data_1DAB
#
_entry.id   1DAB
#
_cell.length_a   176.199
_cell.length_b   176.199
_cell.length_c   104.688
_cell.angle_alpha   90.00
_cell.angle_beta   90.00
_cell.angle_gamma   120.00
#
_symmetry.space_group_name_H-M   'P 63 2 2'
#
loop_
_entity.id
_entity.type
_entity.pdbx_description
1 polymer 'P.69 PERTACTIN'
2 water water
#
_entity_poly.entity_id   1
_entity_poly.type   'polypeptide(L)'
_entity_poly.pdbx_seq_one_letter_code
;DWNNQSIVKTGERQHGIHIQGSDPGGVRTASGTTIKVSGRQAQGILLENPAAELQFRNGSVTSSGQLSDDGIRRFLGTVT
VKAGKLVADHATLANVGDTWDDDGIALYVAGEQAQASIADSTLQGAGGVQIERGANVTVQRSAIVDGGLHIGALQSLQPE
DLPPSRVVLRDTNVTAVPASGAPAAVSVLGASELTLDGGHITGGRAAGVAAMQGAVVHLQRATIRRGDALAGGAVPGGAV
PGGAVPGGFGPGGFGPVLDGWYGVDVSGSSVELAQSIVEAPELGAAIRVGRGARVTVPGGSLSAPHGNVIETGGARRFAP
QAAPLSITLQAGAHAQGKALLYRVLPEPVKLTLTGGADAQGDIVATELPSIPGTSIGPLDVALASQARWTGATRAVDSLS
IDNATWVMTDNSNVGALRLASDGSVDFQQPAEAGRFKVLTVNTLAGSGLFRMNVFADLGLSDKLVVMQDASGQHRLWVRN
SGSEPASANTLLLVQTPLGSAATFTLANKDGKVDIGTYRYRLAANGNGQWSLVGAKAPP
;
_entity_poly.pdbx_strand_id   A
#
# COMPACT_ATOMS: atom_id res chain seq x y z
N ASP A 1 4.22 -18.40 -42.25
CA ASP A 1 3.65 -17.12 -42.77
C ASP A 1 4.75 -16.10 -43.04
N TRP A 2 5.49 -15.78 -41.98
CA TRP A 2 6.62 -14.87 -42.01
C TRP A 2 7.64 -15.51 -41.06
N ASN A 3 8.20 -16.63 -41.47
CA ASN A 3 9.14 -17.39 -40.67
C ASN A 3 10.61 -17.17 -40.99
N ASN A 4 11.46 -16.99 -39.97
CA ASN A 4 12.89 -16.80 -40.13
C ASN A 4 13.30 -15.72 -41.12
N GLN A 5 12.61 -14.60 -41.14
CA GLN A 5 12.79 -13.50 -42.05
C GLN A 5 13.24 -12.23 -41.32
N SER A 6 13.82 -11.32 -42.09
CA SER A 6 14.25 -10.03 -41.59
C SER A 6 13.40 -8.94 -42.26
N ILE A 7 12.58 -8.26 -41.50
CA ILE A 7 11.76 -7.18 -42.06
C ILE A 7 12.36 -5.86 -41.59
N VAL A 8 12.82 -5.07 -42.56
CA VAL A 8 13.42 -3.77 -42.31
C VAL A 8 12.66 -2.72 -43.09
N LYS A 9 12.01 -1.77 -42.44
CA LYS A 9 11.26 -0.75 -43.17
C LYS A 9 11.82 0.63 -42.79
N THR A 10 11.74 1.60 -43.69
CA THR A 10 12.23 2.94 -43.37
C THR A 10 11.22 4.03 -43.70
N GLY A 11 10.26 3.83 -44.58
CA GLY A 11 9.31 4.87 -44.93
C GLY A 11 8.28 5.25 -43.88
N GLU A 12 7.66 6.42 -44.07
CA GLU A 12 6.62 6.88 -43.15
C GLU A 12 5.57 5.78 -43.03
N ARG A 13 4.94 5.61 -41.88
CA ARG A 13 3.96 4.56 -41.60
C ARG A 13 4.10 3.36 -42.53
N GLN A 14 5.24 2.68 -42.41
CA GLN A 14 5.59 1.49 -43.18
C GLN A 14 5.92 0.40 -42.16
N HIS A 15 4.86 -0.25 -41.68
CA HIS A 15 4.94 -1.16 -40.55
C HIS A 15 5.65 -2.45 -40.90
N GLY A 16 6.21 -3.11 -39.89
CA GLY A 16 6.89 -4.40 -40.14
C GLY A 16 5.80 -5.38 -40.60
N ILE A 17 4.84 -5.63 -39.73
CA ILE A 17 3.69 -6.48 -39.99
C ILE A 17 2.43 -5.66 -39.68
N HIS A 18 1.50 -5.59 -40.60
CA HIS A 18 0.26 -4.86 -40.38
C HIS A 18 -0.96 -5.72 -40.73
N ILE A 19 -1.79 -6.04 -39.74
CA ILE A 19 -3.00 -6.81 -40.02
C ILE A 19 -4.13 -5.78 -39.95
N GLN A 20 -4.74 -5.51 -41.09
CA GLN A 20 -5.77 -4.49 -41.18
C GLN A 20 -7.19 -4.94 -40.96
N GLY A 21 -8.05 -3.93 -40.80
CA GLY A 21 -9.47 -4.11 -40.68
C GLY A 21 -10.14 -4.73 -41.90
N SER A 22 -9.55 -4.51 -43.08
CA SER A 22 -10.06 -5.01 -44.33
C SER A 22 -9.44 -6.36 -44.70
N ASP A 23 -8.54 -6.85 -43.85
CA ASP A 23 -7.92 -8.16 -44.09
C ASP A 23 -8.83 -9.25 -43.54
N PRO A 24 -8.59 -10.49 -43.94
CA PRO A 24 -9.32 -11.63 -43.44
C PRO A 24 -8.95 -11.92 -41.98
N GLY A 25 -9.80 -12.66 -41.30
CA GLY A 25 -9.52 -13.11 -39.93
C GLY A 25 -8.63 -14.35 -40.03
N GLY A 26 -8.33 -14.93 -38.87
CA GLY A 26 -7.47 -16.13 -38.87
C GLY A 26 -6.14 -15.82 -38.20
N VAL A 27 -5.45 -16.90 -37.90
CA VAL A 27 -4.18 -16.91 -37.22
C VAL A 27 -3.00 -16.78 -38.19
N ARG A 28 -2.17 -15.78 -37.96
CA ARG A 28 -0.94 -15.62 -38.71
C ARG A 28 0.21 -16.02 -37.78
N THR A 29 1.24 -16.65 -38.30
CA THR A 29 2.35 -17.08 -37.45
C THR A 29 3.69 -16.56 -37.96
N ALA A 30 4.54 -16.13 -37.06
CA ALA A 30 5.87 -15.61 -37.33
C ALA A 30 6.80 -16.26 -36.30
N SER A 31 7.82 -16.93 -36.81
CA SER A 31 8.77 -17.64 -35.97
C SER A 31 10.21 -17.46 -36.42
N GLY A 32 11.07 -16.95 -35.51
CA GLY A 32 12.46 -16.72 -35.88
C GLY A 32 12.60 -15.49 -36.76
N THR A 33 11.68 -14.53 -36.61
CA THR A 33 11.67 -13.32 -37.43
C THR A 33 12.05 -12.08 -36.65
N THR A 34 12.80 -11.18 -37.29
CA THR A 34 13.23 -9.94 -36.68
C THR A 34 12.60 -8.78 -37.46
N ILE A 35 12.04 -7.81 -36.75
CA ILE A 35 11.42 -6.66 -37.37
C ILE A 35 12.13 -5.38 -36.91
N LYS A 36 12.43 -4.53 -37.88
CA LYS A 36 13.06 -3.25 -37.60
C LYS A 36 12.46 -2.17 -38.48
N VAL A 37 11.82 -1.23 -37.83
CA VAL A 37 11.13 -0.11 -38.50
C VAL A 37 11.66 1.20 -37.95
N SER A 38 11.72 2.25 -38.77
CA SER A 38 12.24 3.53 -38.32
C SER A 38 11.50 4.73 -38.91
N GLY A 39 10.49 4.45 -39.74
CA GLY A 39 9.71 5.53 -40.33
C GLY A 39 8.83 6.18 -39.27
N ARG A 40 8.37 7.38 -39.59
CA ARG A 40 7.47 8.12 -38.71
C ARG A 40 6.09 7.47 -38.69
N GLN A 41 5.55 7.22 -37.50
CA GLN A 41 4.24 6.60 -37.34
C GLN A 41 4.19 5.19 -37.92
N ALA A 42 5.29 4.47 -37.71
CA ALA A 42 5.45 3.12 -38.18
C ALA A 42 5.70 2.18 -37.01
N GLN A 43 4.79 1.23 -36.78
CA GLN A 43 5.06 0.26 -35.72
C GLN A 43 5.71 -0.98 -36.30
N GLY A 44 6.32 -1.78 -35.42
CA GLY A 44 6.93 -3.04 -35.87
C GLY A 44 5.76 -3.97 -36.21
N ILE A 45 4.75 -3.97 -35.32
CA ILE A 45 3.56 -4.79 -35.47
C ILE A 45 2.31 -3.94 -35.21
N LEU A 46 1.35 -3.98 -36.13
CA LEU A 46 0.10 -3.24 -35.97
C LEU A 46 -1.09 -4.16 -36.28
N LEU A 47 -1.84 -4.52 -35.25
CA LEU A 47 -3.01 -5.37 -35.31
C LEU A 47 -4.27 -4.53 -35.14
N GLU A 48 -5.11 -4.53 -36.17
CA GLU A 48 -6.35 -3.75 -36.19
C GLU A 48 -7.50 -4.55 -36.79
N ASN A 49 -7.64 -5.81 -36.38
CA ASN A 49 -8.73 -6.64 -36.87
C ASN A 49 -9.18 -7.59 -35.78
N PRO A 50 -10.42 -7.51 -35.35
CA PRO A 50 -10.92 -8.30 -34.23
C PRO A 50 -10.86 -9.80 -34.41
N ALA A 51 -10.99 -10.26 -35.66
CA ALA A 51 -10.95 -11.68 -35.96
C ALA A 51 -9.55 -12.18 -36.24
N ALA A 52 -8.54 -11.31 -36.19
CA ALA A 52 -7.19 -11.75 -36.49
C ALA A 52 -6.37 -11.98 -35.23
N GLU A 53 -5.41 -12.90 -35.43
CA GLU A 53 -4.48 -13.26 -34.39
C GLU A 53 -3.09 -13.36 -35.01
N LEU A 54 -2.07 -13.00 -34.25
CA LEU A 54 -0.69 -13.12 -34.69
C LEU A 54 0.15 -13.82 -33.62
N GLN A 55 0.81 -14.90 -34.03
CA GLN A 55 1.70 -15.61 -33.12
C GLN A 55 3.14 -15.18 -33.50
N PHE A 56 3.77 -14.42 -32.63
CA PHE A 56 5.13 -13.93 -32.81
C PHE A 56 6.01 -14.61 -31.75
N ARG A 57 6.79 -15.55 -32.24
CA ARG A 57 7.66 -16.41 -31.46
C ARG A 57 9.13 -16.42 -31.80
N ASN A 58 10.00 -16.40 -30.78
CA ASN A 58 11.44 -16.49 -30.99
C ASN A 58 11.96 -15.43 -31.94
N GLY A 59 11.49 -14.20 -31.84
CA GLY A 59 11.96 -13.13 -32.71
C GLY A 59 12.15 -11.83 -31.92
N SER A 60 12.39 -10.76 -32.65
CA SER A 60 12.57 -9.45 -32.06
C SER A 60 11.85 -8.40 -32.90
N VAL A 61 11.40 -7.36 -32.23
CA VAL A 61 10.68 -6.27 -32.85
C VAL A 61 11.25 -4.97 -32.28
N THR A 62 11.68 -4.08 -33.16
CA THR A 62 12.19 -2.79 -32.72
C THR A 62 11.75 -1.68 -33.68
N SER A 63 11.47 -0.51 -33.11
CA SER A 63 11.05 0.67 -33.85
C SER A 63 11.77 1.91 -33.31
N SER A 64 11.97 2.90 -34.17
CA SER A 64 12.64 4.12 -33.69
C SER A 64 11.98 5.40 -34.17
N GLY A 65 10.88 5.30 -34.89
CA GLY A 65 10.18 6.50 -35.35
C GLY A 65 9.24 7.03 -34.28
N GLN A 66 8.66 8.20 -34.55
CA GLN A 66 7.69 8.82 -33.64
C GLN A 66 6.38 8.05 -33.87
N LEU A 67 5.82 7.47 -32.83
CA LEU A 67 4.63 6.65 -32.96
C LEU A 67 3.37 7.39 -32.54
N SER A 68 3.29 8.63 -33.01
CA SER A 68 2.17 9.50 -32.69
C SER A 68 0.93 8.97 -33.42
N ASP A 69 -0.20 9.09 -32.72
CA ASP A 69 -1.45 8.65 -33.30
C ASP A 69 -2.21 9.82 -33.91
N ASP A 70 -2.73 9.51 -35.10
CA ASP A 70 -3.56 10.36 -35.93
C ASP A 70 -4.80 10.85 -35.19
N GLY A 71 -5.34 10.02 -34.31
CA GLY A 71 -6.46 10.41 -33.46
C GLY A 71 -5.91 11.14 -32.24
N ILE A 72 -6.15 12.45 -32.22
CA ILE A 72 -5.78 13.34 -31.14
C ILE A 72 -5.29 12.61 -29.90
N ARG A 73 -4.19 13.08 -29.32
CA ARG A 73 -3.64 12.49 -28.10
C ARG A 73 -2.99 11.17 -28.53
N ARG A 74 -2.52 10.44 -27.53
CA ARG A 74 -1.88 9.18 -27.70
C ARG A 74 -0.63 9.08 -28.56
N PHE A 75 0.16 8.11 -28.13
CA PHE A 75 1.34 7.58 -28.75
C PHE A 75 1.08 6.07 -28.77
N LEU A 76 1.54 5.38 -29.79
CA LEU A 76 1.31 3.93 -29.86
C LEU A 76 2.58 3.23 -29.45
N GLY A 77 2.64 1.91 -29.53
CA GLY A 77 3.82 1.17 -29.08
C GLY A 77 4.54 0.54 -30.25
N THR A 78 5.73 -0.03 -30.08
CA THR A 78 6.38 -0.65 -31.25
C THR A 78 5.53 -1.81 -31.76
N VAL A 79 4.89 -2.51 -30.85
CA VAL A 79 3.91 -3.53 -31.07
C VAL A 79 2.58 -2.92 -30.60
N THR A 80 1.63 -2.66 -31.50
CA THR A 80 0.38 -2.10 -31.01
C THR A 80 -0.79 -2.97 -31.48
N VAL A 81 -1.70 -3.19 -30.53
CA VAL A 81 -2.88 -4.02 -30.75
C VAL A 81 -4.14 -3.21 -30.46
N LYS A 82 -4.86 -2.84 -31.50
CA LYS A 82 -6.10 -2.07 -31.36
C LYS A 82 -7.30 -3.01 -31.52
N ALA A 83 -7.03 -4.20 -32.06
CA ALA A 83 -8.11 -5.18 -32.22
C ALA A 83 -7.45 -6.47 -32.69
N GLY A 84 -7.91 -7.59 -32.17
CA GLY A 84 -7.29 -8.87 -32.52
C GLY A 84 -6.46 -9.33 -31.32
N LYS A 85 -5.80 -10.47 -31.53
CA LYS A 85 -5.01 -11.07 -30.48
C LYS A 85 -3.55 -11.26 -30.88
N LEU A 86 -2.65 -10.78 -30.02
CA LEU A 86 -1.24 -10.96 -30.25
C LEU A 86 -0.71 -11.96 -29.22
N VAL A 87 0.05 -12.92 -29.68
CA VAL A 87 0.67 -13.94 -28.84
C VAL A 87 2.18 -13.83 -29.07
N ALA A 88 2.89 -13.32 -28.07
CA ALA A 88 4.34 -13.16 -28.16
C ALA A 88 5.00 -14.13 -27.19
N ASP A 89 5.99 -14.83 -27.70
CA ASP A 89 6.68 -15.88 -26.96
C ASP A 89 8.17 -15.88 -27.22
N HIS A 90 8.97 -15.76 -26.16
CA HIS A 90 10.43 -15.69 -26.31
C HIS A 90 10.82 -14.58 -27.28
N ALA A 91 10.23 -13.41 -27.12
CA ALA A 91 10.43 -12.25 -27.97
C ALA A 91 11.29 -11.18 -27.27
N THR A 92 11.94 -10.37 -28.10
CA THR A 92 12.76 -9.24 -27.66
C THR A 92 12.13 -8.00 -28.27
N LEU A 93 11.37 -7.24 -27.49
CA LEU A 93 10.68 -6.06 -27.99
C LEU A 93 11.34 -4.79 -27.46
N ALA A 94 11.55 -3.80 -28.33
CA ALA A 94 12.20 -2.57 -27.93
C ALA A 94 11.82 -1.35 -28.74
N ASN A 95 11.49 -0.30 -28.02
CA ASN A 95 11.16 0.97 -28.64
C ASN A 95 12.44 1.81 -28.38
N VAL A 96 13.11 2.09 -29.48
CA VAL A 96 14.43 2.75 -29.45
C VAL A 96 14.38 4.15 -30.03
N GLY A 97 13.18 4.71 -30.13
CA GLY A 97 12.99 6.07 -30.61
C GLY A 97 13.61 7.08 -29.64
N ASP A 98 13.81 8.30 -30.12
CA ASP A 98 14.37 9.30 -29.18
C ASP A 98 13.37 9.47 -28.06
N THR A 99 13.79 9.63 -26.81
CA THR A 99 12.97 9.86 -25.63
C THR A 99 12.22 11.19 -25.85
N TRP A 100 13.22 11.97 -26.29
CA TRP A 100 12.73 13.14 -26.94
C TRP A 100 11.69 12.56 -27.91
N ASP A 101 11.87 12.50 -29.20
CA ASP A 101 10.86 12.26 -30.19
C ASP A 101 9.73 11.28 -30.06
N ASP A 102 9.49 10.61 -28.95
CA ASP A 102 8.46 9.60 -28.85
C ASP A 102 8.33 9.18 -27.40
N ASP A 103 7.23 8.54 -27.06
CA ASP A 103 7.02 8.05 -25.71
C ASP A 103 7.81 6.81 -25.36
N GLY A 104 8.40 6.14 -26.34
CA GLY A 104 9.17 4.94 -26.11
C GLY A 104 8.32 3.77 -25.67
N ILE A 105 7.03 3.75 -26.00
CA ILE A 105 6.17 2.62 -25.61
C ILE A 105 6.54 1.37 -26.42
N ALA A 106 6.79 0.26 -25.73
CA ALA A 106 7.16 -0.96 -26.44
C ALA A 106 5.92 -1.78 -26.83
N LEU A 107 4.88 -1.72 -26.02
CA LEU A 107 3.65 -2.47 -26.26
C LEU A 107 2.44 -1.67 -25.83
N TYR A 108 1.55 -1.44 -26.78
CA TYR A 108 0.31 -0.71 -26.60
C TYR A 108 -0.88 -1.60 -26.98
N VAL A 109 -1.75 -1.93 -26.03
CA VAL A 109 -2.92 -2.75 -26.25
C VAL A 109 -4.14 -1.97 -25.76
N ALA A 110 -5.05 -1.69 -26.69
CA ALA A 110 -6.24 -0.90 -26.35
C ALA A 110 -7.49 -1.28 -27.13
N GLY A 111 -8.61 -1.44 -26.43
CA GLY A 111 -9.87 -1.78 -27.09
C GLY A 111 -10.54 -3.02 -26.56
N GLU A 112 -11.86 -3.09 -26.70
CA GLU A 112 -12.63 -4.22 -26.19
C GLU A 112 -12.29 -5.54 -26.87
N GLN A 113 -11.72 -5.53 -28.07
CA GLN A 113 -11.38 -6.79 -28.74
C GLN A 113 -9.88 -6.90 -28.91
N ALA A 114 -9.13 -6.06 -28.20
CA ALA A 114 -7.66 -6.12 -28.24
C ALA A 114 -7.17 -7.05 -27.14
N GLN A 115 -6.41 -8.07 -27.54
CA GLN A 115 -5.88 -9.02 -26.57
C GLN A 115 -4.39 -9.25 -26.82
N ALA A 116 -3.70 -9.63 -25.76
CA ALA A 116 -2.27 -9.93 -25.90
C ALA A 116 -1.84 -10.89 -24.79
N SER A 117 -1.04 -11.85 -25.20
CA SER A 117 -0.47 -12.87 -24.33
C SER A 117 1.04 -12.80 -24.58
N ILE A 118 1.77 -12.39 -23.54
CA ILE A 118 3.21 -12.21 -23.62
C ILE A 118 3.92 -13.18 -22.67
N ALA A 119 4.83 -13.98 -23.18
CA ALA A 119 5.54 -14.94 -22.36
C ALA A 119 7.03 -15.02 -22.68
N ASP A 120 7.86 -15.14 -21.65
CA ASP A 120 9.29 -15.31 -21.75
C ASP A 120 9.96 -14.27 -22.64
N SER A 121 9.61 -13.01 -22.48
CA SER A 121 10.11 -11.92 -23.29
C SER A 121 10.51 -10.72 -22.47
N THR A 122 11.24 -9.82 -23.12
CA THR A 122 11.69 -8.58 -22.50
C THR A 122 11.10 -7.44 -23.32
N LEU A 123 10.64 -6.40 -22.65
CA LEU A 123 10.02 -5.25 -23.30
C LEU A 123 10.84 -4.01 -22.91
N GLN A 124 11.53 -3.42 -23.87
CA GLN A 124 12.37 -2.26 -23.55
C GLN A 124 11.85 -0.99 -24.22
N GLY A 125 12.08 0.12 -23.54
CA GLY A 125 11.64 1.42 -24.05
C GLY A 125 11.13 2.25 -22.87
N ALA A 126 11.37 3.56 -22.92
CA ALA A 126 10.98 4.45 -21.82
C ALA A 126 9.50 4.60 -21.55
N GLY A 127 8.62 4.20 -22.45
CA GLY A 127 7.19 4.26 -22.26
C GLY A 127 6.60 2.94 -21.79
N GLY A 128 7.41 1.89 -21.68
CA GLY A 128 6.93 0.61 -21.18
C GLY A 128 5.75 0.01 -21.93
N VAL A 129 4.81 -0.54 -21.17
CA VAL A 129 3.61 -1.20 -21.65
C VAL A 129 2.39 -0.37 -21.23
N GLN A 130 1.57 0.02 -22.18
CA GLN A 130 0.38 0.82 -21.97
C GLN A 130 -0.83 0.03 -22.47
N ILE A 131 -1.77 -0.23 -21.58
CA ILE A 131 -2.95 -1.03 -21.82
C ILE A 131 -4.17 -0.21 -21.38
N GLU A 132 -5.20 -0.17 -22.22
CA GLU A 132 -6.39 0.59 -21.86
C GLU A 132 -7.62 0.24 -22.69
N ARG A 133 -8.73 0.88 -22.35
CA ARG A 133 -10.02 0.79 -23.00
C ARG A 133 -10.55 -0.63 -23.16
N GLY A 134 -10.60 -1.40 -22.08
CA GLY A 134 -11.15 -2.74 -22.09
C GLY A 134 -10.26 -3.83 -22.65
N ALA A 135 -8.97 -3.57 -22.82
CA ALA A 135 -8.07 -4.59 -23.35
C ALA A 135 -7.87 -5.69 -22.32
N ASN A 136 -7.46 -6.85 -22.77
CA ASN A 136 -7.18 -8.02 -21.96
C ASN A 136 -5.75 -8.47 -22.26
N VAL A 137 -4.87 -8.49 -21.28
CA VAL A 137 -3.48 -8.84 -21.45
C VAL A 137 -2.95 -9.73 -20.34
N THR A 138 -2.21 -10.77 -20.70
CA THR A 138 -1.58 -11.70 -19.79
C THR A 138 -0.08 -11.64 -20.11
N VAL A 139 0.74 -11.51 -19.09
CA VAL A 139 2.19 -11.40 -19.20
C VAL A 139 2.82 -12.37 -18.18
N GLN A 140 3.62 -13.28 -18.69
CA GLN A 140 4.28 -14.33 -17.96
C GLN A 140 5.78 -14.47 -18.26
N ARG A 141 6.51 -14.68 -17.15
CA ARG A 141 7.94 -14.88 -17.16
C ARG A 141 8.65 -13.89 -18.06
N SER A 142 8.36 -12.61 -17.85
CA SER A 142 8.90 -11.55 -18.67
C SER A 142 9.39 -10.43 -17.75
N ALA A 143 9.73 -9.32 -18.38
CA ALA A 143 10.14 -8.15 -17.67
C ALA A 143 9.96 -6.89 -18.52
N ILE A 144 9.39 -5.90 -17.85
CA ILE A 144 9.20 -4.57 -18.44
C ILE A 144 10.44 -3.86 -17.85
N VAL A 145 11.48 -3.84 -18.65
CA VAL A 145 12.80 -3.44 -18.25
C VAL A 145 12.89 -2.02 -17.72
N ASP A 146 12.31 -1.01 -18.37
CA ASP A 146 12.46 0.33 -17.88
C ASP A 146 11.34 1.34 -18.07
N GLY A 147 10.26 1.03 -18.76
CA GLY A 147 9.22 2.05 -18.90
C GLY A 147 8.06 1.88 -17.94
N GLY A 148 7.97 0.82 -17.15
CA GLY A 148 6.82 0.65 -16.28
C GLY A 148 5.61 0.06 -17.02
N LEU A 149 4.59 -0.27 -16.24
CA LEU A 149 3.34 -0.87 -16.67
C LEU A 149 2.21 0.09 -16.37
N HIS A 150 1.51 0.62 -17.39
CA HIS A 150 0.45 1.59 -17.24
C HIS A 150 -0.89 1.13 -17.81
N ILE A 151 -1.84 0.89 -16.91
CA ILE A 151 -3.17 0.40 -17.27
C ILE A 151 -4.24 1.45 -17.02
N GLY A 152 -5.00 1.74 -18.06
CA GLY A 152 -6.09 2.70 -18.01
C GLY A 152 -5.68 4.14 -18.09
N ALA A 153 -6.64 5.04 -17.81
CA ALA A 153 -6.39 6.47 -17.84
C ALA A 153 -7.39 7.27 -17.03
N LEU A 154 -7.21 8.59 -17.12
CA LEU A 154 -8.07 9.59 -16.49
C LEU A 154 -8.32 10.68 -17.55
N GLN A 155 -8.53 11.92 -17.17
CA GLN A 155 -8.76 13.02 -18.09
C GLN A 155 -9.30 12.62 -19.46
N SER A 156 -8.45 12.61 -20.47
CA SER A 156 -8.73 12.31 -21.85
C SER A 156 -10.22 12.21 -22.17
N LEU A 157 -10.87 13.35 -22.37
CA LEU A 157 -12.30 13.36 -22.68
C LEU A 157 -12.55 13.05 -24.15
N GLN A 158 -12.86 11.78 -24.39
CA GLN A 158 -13.09 11.23 -25.71
C GLN A 158 -13.98 9.98 -25.60
N PRO A 159 -14.96 9.87 -26.49
CA PRO A 159 -15.89 8.76 -26.55
C PRO A 159 -15.45 7.51 -25.83
N GLU A 160 -16.18 7.22 -24.75
CA GLU A 160 -15.93 6.12 -23.84
C GLU A 160 -17.01 5.05 -23.91
N ASP A 161 -16.93 4.09 -22.99
CA ASP A 161 -17.92 3.02 -22.93
C ASP A 161 -17.80 2.10 -21.71
N LEU A 162 -17.99 0.81 -21.91
CA LEU A 162 -18.11 -0.23 -20.92
C LEU A 162 -16.99 -0.96 -20.23
N PRO A 163 -16.53 -2.14 -20.64
CA PRO A 163 -15.60 -2.95 -19.90
C PRO A 163 -14.27 -2.44 -19.40
N PRO A 164 -13.87 -3.05 -18.29
CA PRO A 164 -12.60 -2.74 -17.66
C PRO A 164 -11.45 -3.48 -18.36
N SER A 165 -10.30 -2.82 -18.38
CA SER A 165 -9.10 -3.52 -18.86
C SER A 165 -8.78 -4.55 -17.77
N ARG A 166 -8.41 -5.75 -18.20
CA ARG A 166 -8.07 -6.83 -17.28
C ARG A 166 -6.66 -7.27 -17.64
N VAL A 167 -5.74 -7.12 -16.68
CA VAL A 167 -4.34 -7.47 -16.87
C VAL A 167 -3.89 -8.45 -15.81
N VAL A 168 -3.21 -9.50 -16.24
CA VAL A 168 -2.71 -10.54 -15.34
C VAL A 168 -1.20 -10.67 -15.54
N LEU A 169 -0.41 -10.56 -14.49
CA LEU A 169 1.03 -10.74 -14.63
C LEU A 169 1.46 -11.92 -13.74
N ARG A 170 2.40 -12.71 -14.22
CA ARG A 170 2.89 -13.85 -13.44
C ARG A 170 4.39 -13.99 -13.51
N ASP A 171 5.10 -13.80 -12.41
CA ASP A 171 6.55 -13.89 -12.39
C ASP A 171 7.21 -12.93 -13.36
N THR A 172 6.75 -11.70 -13.49
CA THR A 172 7.29 -10.71 -14.40
C THR A 172 7.71 -9.47 -13.58
N ASN A 173 8.93 -9.03 -13.84
CA ASN A 173 9.44 -7.84 -13.17
C ASN A 173 9.04 -6.61 -13.98
N VAL A 174 8.75 -5.54 -13.27
CA VAL A 174 8.36 -4.26 -13.81
C VAL A 174 9.25 -3.18 -13.20
N THR A 175 9.92 -2.40 -14.03
CA THR A 175 10.81 -1.34 -13.53
C THR A 175 10.54 -0.05 -14.28
N ALA A 176 10.50 1.06 -13.55
CA ALA A 176 10.29 2.37 -14.19
C ALA A 176 11.55 3.14 -13.79
N VAL A 177 12.44 3.23 -14.74
CA VAL A 177 13.74 3.91 -14.59
C VAL A 177 13.49 5.39 -14.49
N PRO A 178 14.32 6.13 -13.76
CA PRO A 178 14.17 7.57 -13.59
C PRO A 178 14.00 8.34 -14.89
N ALA A 179 14.71 7.99 -15.94
CA ALA A 179 14.62 8.54 -17.27
C ALA A 179 13.21 8.55 -17.84
N SER A 180 12.64 7.35 -17.74
CA SER A 180 11.24 7.16 -18.10
C SER A 180 10.50 7.84 -16.97
N GLY A 181 10.19 9.12 -17.07
CA GLY A 181 9.50 9.88 -16.08
C GLY A 181 8.13 9.41 -15.67
N ALA A 182 7.91 8.12 -15.48
CA ALA A 182 6.69 7.52 -15.02
C ALA A 182 6.52 7.79 -13.53
N PRO A 183 5.38 8.32 -13.18
CA PRO A 183 4.99 8.63 -11.82
C PRO A 183 4.98 7.41 -10.91
N ALA A 184 4.61 6.27 -11.49
CA ALA A 184 4.59 5.01 -10.78
C ALA A 184 5.27 3.93 -11.64
N ALA A 185 5.74 2.86 -11.01
CA ALA A 185 6.36 1.79 -11.79
C ALA A 185 5.19 1.02 -12.45
N VAL A 186 4.10 0.90 -11.69
CA VAL A 186 2.88 0.26 -12.11
C VAL A 186 1.68 1.17 -11.80
N SER A 187 0.94 1.57 -12.83
CA SER A 187 -0.23 2.40 -12.56
C SER A 187 -1.47 1.75 -13.15
N VAL A 188 -2.50 1.67 -12.32
CA VAL A 188 -3.80 1.08 -12.57
C VAL A 188 -4.82 2.17 -12.24
N LEU A 189 -5.38 2.77 -13.29
CA LEU A 189 -6.32 3.86 -13.21
C LEU A 189 -7.67 3.57 -13.85
N GLY A 190 -8.75 4.02 -13.22
CA GLY A 190 -10.10 3.89 -13.71
C GLY A 190 -10.61 2.47 -13.71
N ALA A 191 -11.45 2.15 -14.70
CA ALA A 191 -11.99 0.81 -14.90
C ALA A 191 -10.90 -0.12 -15.37
N SER A 192 -10.06 -0.57 -14.46
CA SER A 192 -8.91 -1.41 -14.75
C SER A 192 -8.72 -2.38 -13.59
N GLU A 193 -8.21 -3.54 -13.91
CA GLU A 193 -7.94 -4.60 -12.97
C GLU A 193 -6.58 -5.23 -13.27
N LEU A 194 -5.80 -5.38 -12.21
CA LEU A 194 -4.50 -6.00 -12.31
C LEU A 194 -4.38 -7.11 -11.26
N THR A 195 -3.89 -8.25 -11.71
CA THR A 195 -3.61 -9.39 -10.86
C THR A 195 -2.11 -9.67 -11.12
N LEU A 196 -1.35 -9.70 -10.07
CA LEU A 196 0.09 -9.90 -10.17
C LEU A 196 0.47 -10.97 -9.14
N ASP A 197 1.14 -11.99 -9.66
CA ASP A 197 1.59 -13.09 -8.81
C ASP A 197 3.08 -13.31 -9.11
N GLY A 198 3.95 -13.02 -8.16
CA GLY A 198 5.39 -13.17 -8.34
C GLY A 198 5.95 -11.98 -9.09
N GLY A 199 7.12 -11.46 -8.75
CA GLY A 199 7.68 -10.36 -9.51
C GLY A 199 8.23 -9.24 -8.63
N HIS A 200 9.12 -8.46 -9.22
CA HIS A 200 9.78 -7.35 -8.56
C HIS A 200 9.32 -6.06 -9.20
N ILE A 201 8.85 -5.13 -8.37
CA ILE A 201 8.37 -3.85 -8.88
C ILE A 201 9.25 -2.76 -8.27
N THR A 202 9.98 -2.07 -9.13
CA THR A 202 10.91 -1.07 -8.65
C THR A 202 10.84 0.20 -9.50
N GLY A 203 10.83 1.35 -8.81
CA GLY A 203 10.77 2.63 -9.47
C GLY A 203 9.46 3.41 -9.33
N GLY A 204 9.32 4.38 -10.23
CA GLY A 204 8.21 5.31 -10.17
C GLY A 204 8.73 6.61 -9.52
N ARG A 205 8.40 7.73 -10.14
CA ARG A 205 8.82 9.02 -9.61
C ARG A 205 8.13 9.25 -8.27
N ALA A 206 6.81 9.04 -8.23
CA ALA A 206 6.03 9.24 -7.02
C ALA A 206 5.52 8.01 -6.31
N ALA A 207 5.48 6.84 -6.93
CA ALA A 207 4.97 5.66 -6.24
C ALA A 207 5.42 4.38 -6.94
N GLY A 208 5.40 3.27 -6.23
CA GLY A 208 5.79 1.99 -6.84
C GLY A 208 4.57 1.56 -7.66
N VAL A 209 3.46 1.42 -6.96
CA VAL A 209 2.17 1.04 -7.51
C VAL A 209 1.12 2.10 -7.17
N ALA A 210 0.41 2.58 -8.18
CA ALA A 210 -0.65 3.57 -8.00
C ALA A 210 -1.97 2.98 -8.48
N ALA A 211 -2.98 3.03 -7.63
CA ALA A 211 -4.31 2.51 -7.96
C ALA A 211 -5.27 3.69 -7.73
N MET A 212 -5.76 4.27 -8.83
CA MET A 212 -6.66 5.40 -8.81
C MET A 212 -8.01 5.20 -9.48
N GLN A 213 -9.01 5.91 -8.97
CA GLN A 213 -10.36 5.99 -9.45
C GLN A 213 -11.08 4.71 -9.82
N GLY A 214 -11.32 3.82 -8.87
CA GLY A 214 -12.06 2.60 -9.09
C GLY A 214 -11.22 1.42 -9.54
N ALA A 215 -9.90 1.56 -9.51
CA ALA A 215 -9.02 0.46 -9.89
C ALA A 215 -9.16 -0.67 -8.88
N VAL A 216 -8.82 -1.88 -9.30
CA VAL A 216 -8.87 -3.08 -8.47
C VAL A 216 -7.54 -3.80 -8.72
N VAL A 217 -6.70 -3.91 -7.68
CA VAL A 217 -5.37 -4.50 -7.81
C VAL A 217 -5.09 -5.62 -6.82
N HIS A 218 -4.52 -6.72 -7.30
CA HIS A 218 -4.17 -7.89 -6.49
C HIS A 218 -2.72 -8.38 -6.55
N LEU A 219 -1.90 -7.82 -5.69
CA LEU A 219 -0.47 -8.15 -5.61
C LEU A 219 -0.16 -9.30 -4.69
N GLN A 220 0.56 -10.29 -5.20
CA GLN A 220 0.96 -11.48 -4.45
C GLN A 220 2.38 -11.90 -4.81
N ARG A 221 3.15 -12.34 -3.81
CA ARG A 221 4.55 -12.74 -3.96
C ARG A 221 5.37 -11.68 -4.67
N ALA A 222 5.19 -10.42 -4.32
CA ALA A 222 5.85 -9.31 -4.99
C ALA A 222 6.73 -8.52 -4.04
N THR A 223 7.67 -7.75 -4.58
CA THR A 223 8.52 -6.89 -3.76
C THR A 223 8.33 -5.49 -4.31
N ILE A 224 8.11 -4.45 -3.50
CA ILE A 224 7.90 -3.11 -4.05
C ILE A 224 8.86 -2.05 -3.49
N ARG A 225 9.99 -1.88 -4.16
CA ARG A 225 11.01 -0.91 -3.85
C ARG A 225 11.09 0.25 -4.83
N ARG A 226 11.68 1.34 -4.34
CA ARG A 226 11.83 2.56 -5.11
C ARG A 226 13.00 2.51 -6.09
N GLY A 227 14.05 1.80 -5.69
CA GLY A 227 15.30 1.69 -6.43
C GLY A 227 15.12 1.06 -7.79
N ASP A 228 16.18 0.97 -8.59
CA ASP A 228 16.12 0.38 -9.92
C ASP A 228 17.17 1.04 -10.83
N ALA A 229 16.90 0.86 -12.13
CA ALA A 229 17.61 1.47 -13.19
C ALA A 229 17.89 0.47 -14.32
N LEU A 230 17.87 1.05 -15.51
CA LEU A 230 18.11 0.68 -16.85
C LEU A 230 16.97 0.33 -17.77
N ALA A 231 17.21 0.24 -19.05
CA ALA A 231 16.55 -0.44 -20.13
C ALA A 231 16.48 0.32 -21.43
N GLY A 232 17.09 -0.17 -22.51
CA GLY A 232 17.01 0.68 -23.65
C GLY A 232 17.59 0.54 -25.00
N GLY A 233 18.15 1.61 -25.56
CA GLY A 233 18.70 1.53 -26.92
C GLY A 233 20.22 1.37 -26.88
N ALA A 234 20.87 2.49 -26.60
CA ALA A 234 22.33 2.49 -26.55
C ALA A 234 22.72 3.26 -25.31
N VAL A 235 23.97 3.68 -25.22
CA VAL A 235 24.55 4.38 -24.10
C VAL A 235 25.08 5.76 -24.28
N PRO A 236 24.06 6.58 -24.31
CA PRO A 236 24.21 8.04 -24.30
C PRO A 236 24.19 8.45 -22.84
N GLY A 237 23.11 9.06 -22.38
CA GLY A 237 22.82 9.54 -21.06
C GLY A 237 21.69 8.83 -20.33
N GLY A 238 21.80 8.87 -19.01
CA GLY A 238 20.86 8.19 -18.12
C GLY A 238 19.72 9.15 -17.81
N ALA A 239 18.58 8.83 -18.43
CA ALA A 239 17.42 9.65 -18.09
C ALA A 239 17.52 11.10 -18.43
N VAL A 240 16.94 11.65 -19.48
CA VAL A 240 17.15 13.09 -19.68
C VAL A 240 17.86 13.71 -18.49
N PRO A 241 17.24 14.52 -17.73
CA PRO A 241 15.84 14.84 -17.93
C PRO A 241 15.74 16.25 -18.44
N GLY A 242 16.89 16.85 -18.79
CA GLY A 242 16.92 18.16 -19.43
C GLY A 242 16.49 18.07 -20.88
N GLY A 243 15.79 17.04 -21.29
CA GLY A 243 15.21 16.85 -22.60
C GLY A 243 14.03 17.81 -22.69
N ALA A 244 12.90 17.39 -23.18
CA ALA A 244 11.69 18.18 -23.42
C ALA A 244 11.49 18.34 -24.91
N VAL A 245 10.66 17.46 -25.52
CA VAL A 245 10.51 17.11 -26.89
C VAL A 245 9.65 17.10 -28.09
N PRO A 246 9.76 17.16 -29.35
CA PRO A 246 8.86 16.64 -30.31
C PRO A 246 8.67 15.11 -30.41
N GLY A 247 7.43 14.91 -30.85
CA GLY A 247 6.64 13.72 -30.81
C GLY A 247 5.15 13.97 -30.99
N GLY A 248 4.43 14.74 -30.18
CA GLY A 248 3.05 15.06 -30.30
C GLY A 248 1.95 14.28 -29.62
N PHE A 249 1.25 14.97 -28.72
CA PHE A 249 0.11 14.38 -28.03
C PHE A 249 0.56 13.17 -27.21
N GLY A 250 1.45 13.37 -26.25
CA GLY A 250 1.93 12.22 -25.50
C GLY A 250 2.85 12.53 -24.35
N PRO A 251 2.55 11.87 -23.23
CA PRO A 251 3.29 12.03 -21.99
C PRO A 251 4.35 10.96 -21.77
N GLY A 252 5.44 11.27 -21.09
CA GLY A 252 6.51 10.32 -20.80
C GLY A 252 5.98 8.90 -20.60
N GLY A 253 5.16 8.78 -19.55
CA GLY A 253 4.49 7.58 -19.10
C GLY A 253 3.51 7.96 -17.98
N PHE A 254 2.27 7.56 -18.00
CA PHE A 254 1.13 7.88 -17.18
C PHE A 254 0.99 7.88 -15.68
N GLY A 255 -0.07 8.57 -15.22
CA GLY A 255 -0.47 8.77 -13.82
C GLY A 255 0.19 10.05 -13.33
N PRO A 256 0.26 10.28 -12.02
CA PRO A 256 -0.34 9.47 -10.98
C PRO A 256 -1.58 10.16 -10.38
N VAL A 257 -1.39 11.13 -9.51
CA VAL A 257 -2.30 12.07 -8.91
C VAL A 257 -1.82 12.60 -7.55
N LEU A 258 -0.84 12.03 -6.89
CA LEU A 258 -0.34 12.57 -5.60
C LEU A 258 1.17 12.31 -5.58
N ASP A 259 2.10 12.73 -4.71
CA ASP A 259 3.52 12.46 -4.80
C ASP A 259 4.36 12.60 -3.51
N GLY A 260 5.54 12.04 -3.58
CA GLY A 260 6.62 11.87 -2.60
C GLY A 260 6.96 10.38 -2.82
N TRP A 261 7.52 9.50 -2.01
CA TRP A 261 7.57 8.13 -2.58
C TRP A 261 6.79 7.16 -1.70
N TYR A 262 5.68 6.68 -2.27
CA TYR A 262 4.83 5.69 -1.64
C TYR A 262 4.96 4.35 -2.32
N GLY A 263 5.11 3.26 -1.56
CA GLY A 263 5.22 1.94 -2.17
C GLY A 263 3.94 1.68 -2.98
N VAL A 264 2.81 1.86 -2.31
CA VAL A 264 1.48 1.66 -2.85
C VAL A 264 0.62 2.91 -2.57
N ASP A 265 0.21 3.63 -3.60
CA ASP A 265 -0.63 4.82 -3.46
C ASP A 265 -2.01 4.52 -4.02
N VAL A 266 -2.97 4.35 -3.12
CA VAL A 266 -4.33 3.98 -3.42
C VAL A 266 -5.33 5.09 -3.16
N SER A 267 -6.11 5.44 -4.18
CA SER A 267 -7.12 6.49 -4.06
C SER A 267 -8.40 6.08 -4.76
N GLY A 268 -9.48 5.90 -3.99
CA GLY A 268 -10.79 5.53 -4.50
C GLY A 268 -10.78 4.18 -5.19
N SER A 269 -9.91 3.28 -4.74
CA SER A 269 -9.67 1.99 -5.32
C SER A 269 -9.40 0.95 -4.25
N SER A 270 -9.20 -0.29 -4.68
CA SER A 270 -8.92 -1.35 -3.72
C SER A 270 -7.68 -2.11 -4.15
N VAL A 271 -6.81 -2.35 -3.18
CA VAL A 271 -5.57 -3.07 -3.39
C VAL A 271 -5.47 -4.17 -2.34
N GLU A 272 -5.02 -5.33 -2.78
CA GLU A 272 -4.82 -6.49 -1.94
C GLU A 272 -3.33 -6.86 -2.06
N LEU A 273 -2.63 -6.91 -0.94
CA LEU A 273 -1.21 -7.28 -0.98
C LEU A 273 -1.15 -8.64 -0.30
N ALA A 274 -0.51 -9.64 -0.84
CA ALA A 274 -0.47 -10.94 -0.17
C ALA A 274 0.98 -11.43 -0.22
N GLN A 275 1.56 -11.79 0.92
CA GLN A 275 2.95 -12.25 0.95
C GLN A 275 3.88 -11.39 0.10
N SER A 276 3.83 -10.07 0.25
CA SER A 276 4.70 -9.17 -0.50
C SER A 276 5.49 -8.34 0.50
N ILE A 277 6.52 -7.70 -0.01
CA ILE A 277 7.42 -6.85 0.75
C ILE A 277 7.31 -5.41 0.24
N VAL A 278 7.05 -4.43 1.09
CA VAL A 278 6.97 -3.04 0.62
C VAL A 278 7.95 -2.21 1.44
N GLU A 279 8.87 -1.53 0.75
CA GLU A 279 9.89 -0.72 1.42
C GLU A 279 9.80 0.74 0.98
N ALA A 280 9.54 1.60 1.96
CA ALA A 280 9.41 3.03 1.71
C ALA A 280 10.72 3.75 2.00
N PRO A 281 10.97 4.82 1.25
CA PRO A 281 12.14 5.66 1.47
C PRO A 281 11.94 6.46 2.73
N GLU A 282 13.01 7.06 3.24
CA GLU A 282 12.90 7.93 4.41
C GLU A 282 11.69 8.84 4.31
N LEU A 283 11.58 9.55 3.19
CA LEU A 283 10.50 10.46 2.89
C LEU A 283 9.39 9.78 2.11
N GLY A 284 8.22 9.56 2.72
CA GLY A 284 7.10 8.90 2.07
C GLY A 284 6.40 7.91 2.99
N ALA A 285 5.86 6.84 2.42
CA ALA A 285 5.17 5.81 3.18
C ALA A 285 5.04 4.52 2.38
N ALA A 286 4.93 3.39 3.08
CA ALA A 286 4.78 2.12 2.38
C ALA A 286 3.46 2.16 1.61
N ILE A 287 2.40 2.59 2.28
CA ILE A 287 1.07 2.68 1.74
C ILE A 287 0.37 4.02 2.02
N ARG A 288 -0.22 4.65 1.00
CA ARG A 288 -0.96 5.87 1.16
C ARG A 288 -2.40 5.58 0.71
N VAL A 289 -3.35 6.00 1.53
CA VAL A 289 -4.77 5.77 1.26
C VAL A 289 -5.57 7.06 1.25
N GLY A 290 -6.48 7.19 0.30
CA GLY A 290 -7.35 8.33 0.15
C GLY A 290 -8.66 8.05 -0.58
N ARG A 291 -9.61 8.97 -0.41
CA ARG A 291 -10.91 8.96 -1.06
C ARG A 291 -11.61 7.61 -1.01
N GLY A 292 -11.85 7.04 0.16
CA GLY A 292 -12.54 5.78 0.28
C GLY A 292 -11.77 4.56 -0.16
N ALA A 293 -10.45 4.63 -0.25
CA ALA A 293 -9.62 3.50 -0.58
C ALA A 293 -9.75 2.40 0.46
N ARG A 294 -9.51 1.18 0.01
CA ARG A 294 -9.56 -0.05 0.77
C ARG A 294 -8.28 -0.83 0.44
N VAL A 295 -7.50 -1.17 1.44
CA VAL A 295 -6.27 -1.92 1.31
C VAL A 295 -6.27 -3.08 2.31
N THR A 296 -5.92 -4.28 1.88
CA THR A 296 -5.84 -5.45 2.74
C THR A 296 -4.47 -6.10 2.57
N VAL A 297 -3.84 -6.56 3.65
CA VAL A 297 -2.51 -7.13 3.59
C VAL A 297 -2.27 -8.38 4.42
N PRO A 298 -2.37 -9.58 3.91
CA PRO A 298 -2.04 -10.82 4.59
C PRO A 298 -0.55 -11.11 4.48
N GLY A 299 0.07 -11.45 5.61
CA GLY A 299 1.49 -11.81 5.65
C GLY A 299 2.40 -10.76 5.04
N GLY A 300 3.58 -11.14 4.59
CA GLY A 300 4.49 -10.15 4.02
C GLY A 300 4.98 -9.12 5.03
N SER A 301 5.60 -8.06 4.52
CA SER A 301 6.18 -7.00 5.27
C SER A 301 6.00 -5.60 4.70
N LEU A 302 5.82 -4.67 5.63
CA LEU A 302 5.70 -3.26 5.32
C LEU A 302 6.77 -2.55 6.17
N SER A 303 7.79 -1.95 5.57
CA SER A 303 8.82 -1.26 6.32
C SER A 303 9.04 0.17 5.86
N ALA A 304 9.02 1.04 6.85
CA ALA A 304 9.26 2.47 6.64
C ALA A 304 10.04 2.98 7.85
N PRO A 305 11.26 2.49 8.01
CA PRO A 305 12.15 2.83 9.10
C PRO A 305 12.24 4.30 9.47
N HIS A 306 12.35 5.19 8.49
CA HIS A 306 12.45 6.62 8.73
C HIS A 306 11.19 7.39 8.39
N GLY A 307 10.04 6.72 8.35
CA GLY A 307 8.80 7.38 8.01
C GLY A 307 7.56 6.62 8.45
N ASN A 308 6.54 6.73 7.61
CA ASN A 308 5.21 6.21 7.88
C ASN A 308 4.90 4.89 7.21
N VAL A 309 4.34 3.94 7.93
CA VAL A 309 3.97 2.67 7.29
C VAL A 309 2.77 3.01 6.39
N ILE A 310 1.81 3.71 7.00
CA ILE A 310 0.59 4.13 6.34
C ILE A 310 0.32 5.62 6.46
N GLU A 311 -0.05 6.24 5.35
CA GLU A 311 -0.42 7.65 5.29
C GLU A 311 -1.87 7.74 4.83
N THR A 312 -2.73 8.45 5.55
CA THR A 312 -4.13 8.57 5.15
C THR A 312 -4.50 10.01 4.81
N GLY A 313 -5.12 10.17 3.65
CA GLY A 313 -5.55 11.49 3.17
C GLY A 313 -6.62 11.33 2.09
N GLY A 314 -6.58 12.17 1.06
CA GLY A 314 -7.51 12.14 -0.03
C GLY A 314 -8.93 12.50 0.36
N ALA A 315 -9.28 13.76 0.33
CA ALA A 315 -10.58 14.28 0.71
C ALA A 315 -10.37 15.38 1.77
N ARG A 316 -10.65 16.60 1.37
CA ARG A 316 -10.47 17.75 2.27
C ARG A 316 -11.68 17.98 3.16
N ARG A 317 -12.83 17.42 2.77
CA ARG A 317 -14.03 17.54 3.58
C ARG A 317 -14.51 16.17 4.06
N PHE A 318 -14.88 16.11 5.33
CA PHE A 318 -15.39 14.87 5.90
C PHE A 318 -16.91 14.84 5.70
N ALA A 319 -17.41 13.73 5.20
CA ALA A 319 -18.85 13.55 5.05
C ALA A 319 -19.24 12.21 5.67
N PRO A 320 -20.17 12.25 6.62
CA PRO A 320 -20.66 11.06 7.29
C PRO A 320 -21.21 10.01 6.35
N GLN A 321 -21.78 10.43 5.24
CA GLN A 321 -22.29 9.58 4.18
C GLN A 321 -21.25 8.58 3.66
N ALA A 322 -20.15 9.13 3.14
CA ALA A 322 -19.08 8.36 2.53
C ALA A 322 -18.42 7.32 3.44
N ALA A 323 -17.95 6.25 2.79
CA ALA A 323 -17.27 5.16 3.48
C ALA A 323 -15.84 5.61 3.81
N PRO A 324 -15.35 5.21 4.97
CA PRO A 324 -14.03 5.59 5.43
C PRO A 324 -12.89 4.88 4.71
N LEU A 325 -11.68 5.36 4.99
CA LEU A 325 -10.49 4.68 4.51
C LEU A 325 -10.42 3.38 5.31
N SER A 326 -9.97 2.32 4.66
CA SER A 326 -9.89 1.04 5.36
C SER A 326 -8.56 0.37 5.07
N ILE A 327 -7.84 0.05 6.13
CA ILE A 327 -6.56 -0.63 6.04
C ILE A 327 -6.64 -1.84 6.98
N THR A 328 -6.39 -3.03 6.42
CA THR A 328 -6.40 -4.24 7.20
C THR A 328 -5.10 -5.03 7.04
N LEU A 329 -4.49 -5.35 8.16
CA LEU A 329 -3.28 -6.14 8.20
C LEU A 329 -3.75 -7.43 8.89
N GLN A 330 -3.58 -8.54 8.20
CA GLN A 330 -4.05 -9.81 8.74
C GLN A 330 -3.09 -10.91 8.34
N ALA A 331 -3.45 -12.14 8.65
CA ALA A 331 -2.65 -13.31 8.33
C ALA A 331 -1.17 -13.09 8.59
N GLY A 332 -0.82 -12.68 9.80
CA GLY A 332 0.55 -12.48 10.20
C GLY A 332 1.33 -11.42 9.48
N ALA A 333 0.70 -10.40 8.89
CA ALA A 333 1.46 -9.33 8.25
C ALA A 333 2.34 -8.58 9.25
N HIS A 334 3.54 -8.23 8.80
CA HIS A 334 4.44 -7.47 9.66
C HIS A 334 4.56 -6.04 9.16
N ALA A 335 4.60 -5.08 10.07
CA ALA A 335 4.73 -3.68 9.70
C ALA A 335 5.59 -2.95 10.73
N GLN A 336 6.44 -2.07 10.26
CA GLN A 336 7.36 -1.33 11.13
C GLN A 336 7.77 -0.01 10.50
N GLY A 337 7.61 1.05 11.27
CA GLY A 337 7.98 2.40 10.89
C GLY A 337 8.04 3.30 12.12
N LYS A 338 8.35 4.59 11.94
CA LYS A 338 8.38 5.51 13.08
C LYS A 338 6.92 5.66 13.55
N ALA A 339 6.07 5.92 12.56
CA ALA A 339 4.63 5.97 12.75
C ALA A 339 4.03 4.79 11.98
N LEU A 340 3.11 4.07 12.62
CA LEU A 340 2.43 2.99 11.94
C LEU A 340 1.45 3.64 10.95
N LEU A 341 0.75 4.64 11.49
CA LEU A 341 -0.27 5.38 10.77
C LEU A 341 -0.08 6.87 10.99
N TYR A 342 -0.30 7.63 9.92
CA TYR A 342 -0.19 9.07 9.94
C TYR A 342 -1.33 9.73 9.19
N ARG A 343 -2.23 10.41 9.91
CA ARG A 343 -3.36 11.07 9.26
C ARG A 343 -2.96 12.46 8.75
N VAL A 344 -3.31 12.74 7.50
CA VAL A 344 -2.98 14.03 6.90
C VAL A 344 -4.22 14.88 6.65
N LEU A 345 -5.32 14.27 6.22
CA LEU A 345 -6.57 14.99 5.96
C LEU A 345 -7.72 14.37 6.75
N PRO A 346 -8.85 15.07 6.90
CA PRO A 346 -9.92 14.72 7.80
C PRO A 346 -10.80 13.50 7.56
N GLU A 347 -10.57 12.74 6.51
CA GLU A 347 -11.40 11.58 6.22
C GLU A 347 -11.29 10.50 7.29
N PRO A 348 -12.41 9.88 7.62
CA PRO A 348 -12.42 8.80 8.58
C PRO A 348 -11.51 7.67 8.12
N VAL A 349 -10.91 7.02 9.11
CA VAL A 349 -9.99 5.92 8.93
C VAL A 349 -10.32 4.76 9.87
N LYS A 350 -10.33 3.56 9.31
CA LYS A 350 -10.53 2.34 10.07
C LYS A 350 -9.27 1.49 9.87
N LEU A 351 -8.54 1.20 10.93
CA LEU A 351 -7.33 0.39 10.87
C LEU A 351 -7.60 -0.91 11.64
N THR A 352 -7.44 -2.02 10.94
CA THR A 352 -7.70 -3.33 11.55
C THR A 352 -6.48 -4.22 11.48
N LEU A 353 -6.15 -4.82 12.61
CA LEU A 353 -5.03 -5.75 12.70
C LEU A 353 -5.65 -7.05 13.24
N THR A 354 -5.49 -8.15 12.53
CA THR A 354 -6.05 -9.44 12.93
C THR A 354 -5.05 -10.55 12.60
N GLY A 355 -5.41 -11.78 12.94
CA GLY A 355 -4.64 -12.95 12.57
C GLY A 355 -3.16 -12.89 12.82
N GLY A 356 -2.75 -12.47 14.05
CA GLY A 356 -1.34 -12.40 14.40
C GLY A 356 -0.59 -11.30 13.66
N ALA A 357 -1.29 -10.29 13.15
CA ALA A 357 -0.59 -9.16 12.54
C ALA A 357 0.30 -8.54 13.61
N ASP A 358 1.48 -8.09 13.24
CA ASP A 358 2.45 -7.54 14.15
C ASP A 358 2.90 -6.19 13.60
N ALA A 359 2.32 -5.12 14.15
CA ALA A 359 2.62 -3.79 13.68
C ALA A 359 3.35 -3.01 14.78
N GLN A 360 4.25 -2.14 14.32
CA GLN A 360 5.08 -1.36 15.24
C GLN A 360 5.22 0.07 14.75
N GLY A 361 4.94 1.02 15.64
CA GLY A 361 5.02 2.44 15.32
C GLY A 361 3.85 3.17 15.98
N ASP A 362 3.87 4.49 16.02
CA ASP A 362 2.84 5.30 16.62
C ASP A 362 1.75 5.69 15.65
N ILE A 363 0.58 6.01 16.20
CA ILE A 363 -0.54 6.46 15.36
C ILE A 363 -0.60 7.96 15.54
N VAL A 364 -0.31 8.76 14.53
CA VAL A 364 -0.25 10.22 14.60
C VAL A 364 -1.24 10.89 13.65
N ALA A 365 -1.67 12.09 14.04
CA ALA A 365 -2.63 12.88 13.29
C ALA A 365 -2.24 14.36 13.33
N THR A 366 -2.95 15.21 12.60
CA THR A 366 -2.55 16.60 12.51
C THR A 366 -3.56 17.58 13.10
N GLU A 367 -3.58 17.65 14.43
CA GLU A 367 -4.43 18.52 15.21
C GLU A 367 -5.71 18.93 14.51
N LEU A 368 -5.67 19.98 13.68
CA LEU A 368 -6.90 20.42 13.03
C LEU A 368 -6.69 21.44 11.94
N PRO A 369 -7.14 21.17 10.72
CA PRO A 369 -7.07 22.14 9.62
C PRO A 369 -8.30 23.03 9.64
N SER A 370 -8.60 23.61 10.78
CA SER A 370 -9.68 24.52 11.11
C SER A 370 -11.06 23.91 11.20
N ILE A 371 -11.44 23.07 10.26
CA ILE A 371 -12.70 22.31 10.23
C ILE A 371 -13.10 21.92 11.65
N PRO A 372 -13.97 22.72 12.26
CA PRO A 372 -14.42 22.55 13.62
C PRO A 372 -14.65 21.13 14.11
N GLY A 373 -13.86 20.68 15.07
CA GLY A 373 -13.97 19.41 15.74
C GLY A 373 -14.77 18.28 15.17
N THR A 374 -16.09 18.40 15.08
CA THR A 374 -16.98 17.38 14.54
C THR A 374 -17.14 17.42 13.02
N SER A 375 -16.19 18.05 12.35
CA SER A 375 -16.04 18.14 10.92
C SER A 375 -14.82 17.29 10.55
N ILE A 376 -14.31 16.60 11.56
CA ILE A 376 -13.16 15.72 11.43
C ILE A 376 -13.63 14.28 11.55
N GLY A 377 -13.27 13.46 10.56
CA GLY A 377 -13.64 12.05 10.58
C GLY A 377 -12.84 11.33 11.67
N PRO A 378 -13.49 10.35 12.30
CA PRO A 378 -12.87 9.56 13.33
C PRO A 378 -11.77 8.63 12.85
N LEU A 379 -10.86 8.30 13.76
CA LEU A 379 -9.77 7.37 13.51
C LEU A 379 -10.03 6.16 14.42
N ASP A 380 -10.62 5.11 13.87
CA ASP A 380 -10.94 3.92 14.64
C ASP A 380 -9.97 2.79 14.34
N VAL A 381 -9.57 2.04 15.37
CA VAL A 381 -8.64 0.93 15.15
C VAL A 381 -9.17 -0.27 15.93
N ALA A 382 -8.93 -1.44 15.35
CA ALA A 382 -9.39 -2.68 15.97
C ALA A 382 -8.29 -3.73 15.92
N LEU A 383 -8.05 -4.37 17.05
CA LEU A 383 -7.05 -5.42 17.14
C LEU A 383 -7.84 -6.69 17.45
N ALA A 384 -7.48 -7.80 16.82
CA ALA A 384 -8.21 -9.04 17.08
C ALA A 384 -7.31 -10.24 16.84
N SER A 385 -7.81 -11.39 17.24
CA SER A 385 -7.19 -12.68 17.05
C SER A 385 -5.68 -12.67 16.96
N GLN A 386 -5.04 -12.44 18.10
CA GLN A 386 -3.62 -12.46 18.33
C GLN A 386 -2.84 -11.31 17.69
N ALA A 387 -3.48 -10.36 17.05
CA ALA A 387 -2.68 -9.28 16.46
C ALA A 387 -1.99 -8.51 17.60
N ARG A 388 -0.95 -7.77 17.22
CA ARG A 388 -0.22 -6.97 18.19
C ARG A 388 0.19 -5.63 17.62
N TRP A 389 -0.12 -4.58 18.39
CA TRP A 389 0.25 -3.22 18.06
C TRP A 389 1.19 -2.69 19.16
N THR A 390 2.42 -2.30 18.79
CA THR A 390 3.31 -1.72 19.79
C THR A 390 3.66 -0.30 19.33
N GLY A 391 3.17 0.64 20.14
CA GLY A 391 3.35 2.06 19.82
C GLY A 391 2.48 2.90 20.76
N ALA A 392 2.42 4.19 20.48
CA ALA A 392 1.65 5.10 21.33
C ALA A 392 0.81 6.05 20.48
N THR A 393 -0.23 6.63 21.07
CA THR A 393 -1.08 7.57 20.38
C THR A 393 -1.71 8.60 21.33
N ARG A 394 -2.19 9.65 20.74
CA ARG A 394 -2.96 10.75 21.24
C ARG A 394 -4.03 11.04 20.18
N ALA A 395 -4.27 10.16 19.21
CA ALA A 395 -5.19 10.48 18.13
C ALA A 395 -6.23 9.44 17.80
N VAL A 396 -6.27 8.32 18.49
CA VAL A 396 -7.25 7.28 18.21
C VAL A 396 -8.55 7.57 18.95
N ASP A 397 -9.63 7.62 18.18
CA ASP A 397 -10.96 7.89 18.73
C ASP A 397 -11.51 6.64 19.40
N SER A 398 -11.41 5.47 18.78
CA SER A 398 -11.88 4.24 19.42
C SER A 398 -10.91 3.11 19.15
N LEU A 399 -10.77 2.23 20.14
CA LEU A 399 -9.87 1.09 20.06
C LEU A 399 -10.53 -0.14 20.67
N SER A 400 -10.65 -1.16 19.81
CA SER A 400 -11.23 -2.42 20.30
C SER A 400 -10.04 -3.37 20.32
N ILE A 401 -9.93 -4.16 21.36
CA ILE A 401 -8.83 -5.10 21.52
C ILE A 401 -9.49 -6.42 21.94
N ASP A 402 -9.64 -7.33 21.00
CA ASP A 402 -10.30 -8.61 21.25
C ASP A 402 -9.31 -9.74 21.11
N ASN A 403 -8.94 -10.42 22.17
CA ASN A 403 -7.96 -11.50 22.07
C ASN A 403 -6.71 -11.06 21.30
N ALA A 404 -6.25 -9.84 21.55
CA ALA A 404 -5.08 -9.27 20.91
C ALA A 404 -4.39 -8.33 21.90
N THR A 405 -3.30 -7.67 21.52
CA THR A 405 -2.66 -6.79 22.50
C THR A 405 -2.11 -5.49 21.97
N TRP A 406 -2.21 -4.48 22.85
CA TRP A 406 -1.65 -3.17 22.55
C TRP A 406 -0.49 -3.00 23.54
N VAL A 407 0.73 -2.98 23.03
CA VAL A 407 1.92 -2.72 23.85
C VAL A 407 2.10 -1.21 23.79
N MET A 408 1.66 -0.52 24.83
CA MET A 408 1.74 0.94 24.90
C MET A 408 3.15 1.37 25.26
N THR A 409 3.76 2.18 24.40
CA THR A 409 5.15 2.54 24.56
C THR A 409 5.36 3.91 25.20
N ASP A 410 4.30 4.69 25.26
CA ASP A 410 4.40 6.01 25.87
C ASP A 410 3.00 6.53 26.23
N ASN A 411 2.97 7.61 27.00
CA ASN A 411 1.73 8.22 27.44
C ASN A 411 0.76 8.33 26.27
N SER A 412 -0.46 7.83 26.47
CA SER A 412 -1.37 7.81 25.32
C SER A 412 -2.78 8.22 25.67
N ASN A 413 -3.49 8.80 24.71
CA ASN A 413 -4.87 9.24 24.81
C ASN A 413 -5.74 8.47 23.82
N VAL A 414 -6.80 7.84 24.26
CA VAL A 414 -7.72 7.12 23.39
C VAL A 414 -9.14 7.48 23.80
N GLY A 415 -9.98 7.86 22.84
CA GLY A 415 -11.36 8.22 23.12
C GLY A 415 -12.11 7.13 23.86
N ALA A 416 -12.48 6.05 23.15
CA ALA A 416 -13.21 4.94 23.73
C ALA A 416 -12.44 3.63 23.61
N LEU A 417 -12.21 2.96 24.73
CA LEU A 417 -11.48 1.71 24.71
C LEU A 417 -12.36 0.52 25.07
N ARG A 418 -12.47 -0.40 24.12
CA ARG A 418 -13.28 -1.59 24.32
C ARG A 418 -12.38 -2.81 24.28
N LEU A 419 -12.54 -3.68 25.28
CA LEU A 419 -11.74 -4.89 25.37
C LEU A 419 -12.64 -6.12 25.37
N ALA A 420 -12.14 -7.26 24.87
CA ALA A 420 -12.93 -8.48 24.96
C ALA A 420 -12.03 -9.70 24.90
N SER A 421 -12.55 -10.83 25.37
CA SER A 421 -11.86 -12.10 25.25
C SER A 421 -10.36 -11.96 25.40
N ASP A 422 -9.92 -11.57 26.59
CA ASP A 422 -8.52 -11.44 26.94
C ASP A 422 -7.78 -10.36 26.16
N GLY A 423 -8.46 -9.39 25.58
CA GLY A 423 -7.78 -8.26 24.97
C GLY A 423 -6.98 -7.56 26.09
N SER A 424 -5.80 -7.06 25.75
CA SER A 424 -5.02 -6.40 26.79
C SER A 424 -4.23 -5.20 26.33
N VAL A 425 -3.97 -4.35 27.32
CA VAL A 425 -3.15 -3.18 27.17
C VAL A 425 -1.93 -3.44 28.09
N ASP A 426 -0.78 -3.60 27.41
CA ASP A 426 0.45 -3.89 28.12
C ASP A 426 1.29 -2.62 28.19
N PHE A 427 1.38 -2.06 29.40
CA PHE A 427 2.20 -0.87 29.59
C PHE A 427 3.64 -1.39 29.52
N GLN A 428 4.30 -1.11 28.41
CA GLN A 428 5.64 -1.64 28.20
C GLN A 428 6.56 -1.32 29.37
N GLN A 429 7.35 -2.30 29.80
CA GLN A 429 8.32 -2.05 30.84
C GLN A 429 9.37 -1.06 30.34
N PRO A 430 9.55 0.03 31.04
CA PRO A 430 10.51 1.05 30.65
C PRO A 430 11.93 0.65 30.96
N ALA A 431 12.87 1.27 30.25
CA ALA A 431 14.30 1.02 30.45
C ALA A 431 14.80 1.71 31.72
N GLU A 432 14.25 2.88 32.01
CA GLU A 432 14.62 3.66 33.19
C GLU A 432 13.56 3.56 34.28
N ALA A 433 14.05 3.35 35.49
CA ALA A 433 13.19 3.20 36.67
C ALA A 433 12.41 4.46 36.97
N GLY A 434 11.16 4.30 37.42
CA GLY A 434 10.32 5.42 37.79
C GLY A 434 9.73 6.16 36.62
N ARG A 435 9.90 5.60 35.43
CA ARG A 435 9.40 6.19 34.20
C ARG A 435 8.05 5.58 33.83
N PHE A 436 7.09 5.87 34.73
CA PHE A 436 5.75 5.36 34.64
C PHE A 436 4.98 6.07 33.53
N LYS A 437 3.95 5.40 33.03
CA LYS A 437 3.14 5.94 31.95
C LYS A 437 1.68 6.05 32.38
N VAL A 438 0.95 6.89 31.65
CA VAL A 438 -0.43 7.17 31.90
C VAL A 438 -1.25 6.90 30.64
N LEU A 439 -2.26 6.06 30.74
CA LEU A 439 -3.15 5.81 29.62
C LEU A 439 -4.45 6.56 29.88
N THR A 440 -4.69 7.71 29.25
CA THR A 440 -5.97 8.36 29.52
C THR A 440 -6.95 8.21 28.35
N VAL A 441 -8.15 7.87 28.80
CA VAL A 441 -9.28 7.52 27.98
C VAL A 441 -10.60 8.14 28.42
N ASN A 442 -11.52 8.34 27.50
CA ASN A 442 -12.82 8.90 27.85
C ASN A 442 -13.70 7.78 28.41
N THR A 443 -13.79 6.67 27.65
CA THR A 443 -14.60 5.55 28.08
C THR A 443 -13.80 4.25 27.94
N LEU A 444 -14.12 3.33 28.82
CA LEU A 444 -13.66 1.97 28.94
C LEU A 444 -14.86 1.03 29.03
N ALA A 445 -14.86 -0.07 28.28
CA ALA A 445 -15.99 -1.00 28.36
C ALA A 445 -15.51 -2.41 28.01
N GLY A 446 -16.33 -3.42 28.26
CA GLY A 446 -15.96 -4.78 27.93
C GLY A 446 -15.34 -5.51 29.12
N SER A 447 -14.38 -6.36 28.82
CA SER A 447 -13.66 -7.15 29.81
C SER A 447 -12.26 -7.42 29.26
N GLY A 448 -11.25 -6.80 29.86
CA GLY A 448 -9.89 -6.94 29.36
C GLY A 448 -8.85 -6.99 30.46
N LEU A 449 -7.60 -6.92 30.06
CA LEU A 449 -6.46 -7.03 30.97
C LEU A 449 -5.46 -5.91 30.73
N PHE A 450 -4.98 -5.32 31.82
CA PHE A 450 -3.98 -4.27 31.78
C PHE A 450 -2.75 -4.76 32.56
N ARG A 451 -1.61 -4.79 31.89
CA ARG A 451 -0.34 -5.13 32.51
C ARG A 451 0.30 -3.79 32.86
N MET A 452 0.47 -3.55 34.16
CA MET A 452 0.95 -2.27 34.65
C MET A 452 2.20 -2.39 35.51
N ASN A 453 3.12 -1.46 35.27
CA ASN A 453 4.39 -1.45 35.97
C ASN A 453 4.30 -0.73 37.31
N VAL A 454 4.92 -1.36 38.29
CA VAL A 454 4.97 -0.81 39.65
C VAL A 454 6.43 -0.67 40.07
N PHE A 455 6.76 0.49 40.62
CA PHE A 455 8.12 0.76 41.14
C PHE A 455 7.99 0.92 42.65
N ALA A 456 7.85 -0.18 43.37
CA ALA A 456 7.64 -0.23 44.80
C ALA A 456 8.55 0.69 45.60
N ASP A 457 9.85 0.59 45.36
CA ASP A 457 10.87 1.38 46.03
C ASP A 457 10.74 2.88 45.81
N LEU A 458 10.17 3.33 44.70
CA LEU A 458 9.99 4.77 44.48
C LEU A 458 8.57 5.19 44.88
N GLY A 459 7.70 4.21 45.08
CA GLY A 459 6.29 4.51 45.34
C GLY A 459 5.64 5.07 44.08
N LEU A 460 6.01 4.50 42.92
CA LEU A 460 5.43 4.97 41.66
C LEU A 460 4.83 3.81 40.88
N SER A 461 3.85 4.10 40.02
CA SER A 461 3.30 3.06 39.16
C SER A 461 2.67 3.66 37.91
N ASP A 462 2.39 2.84 36.91
CA ASP A 462 1.69 3.31 35.72
C ASP A 462 0.27 3.70 36.15
N LYS A 463 -0.46 4.40 35.30
CA LYS A 463 -1.80 4.80 35.72
C LYS A 463 -2.79 4.83 34.56
N LEU A 464 -4.02 4.47 34.88
CA LEU A 464 -5.14 4.44 33.95
C LEU A 464 -6.21 5.43 34.46
N VAL A 465 -6.52 6.39 33.63
CA VAL A 465 -7.49 7.44 33.85
C VAL A 465 -8.61 7.32 32.81
N VAL A 466 -9.83 7.16 33.33
CA VAL A 466 -11.03 7.08 32.52
C VAL A 466 -11.88 8.30 32.89
N MET A 467 -11.94 9.31 32.02
CA MET A 467 -12.61 10.55 32.30
C MET A 467 -14.13 10.56 32.33
N GLN A 468 -14.80 9.80 31.48
CA GLN A 468 -16.24 9.89 31.35
C GLN A 468 -17.06 8.72 31.82
N ASP A 469 -16.65 7.49 31.55
CA ASP A 469 -17.48 6.37 31.96
C ASP A 469 -16.85 5.00 31.88
N ALA A 470 -16.40 4.48 33.00
CA ALA A 470 -15.83 3.15 33.07
C ALA A 470 -16.89 2.09 33.38
N SER A 471 -17.05 1.09 32.52
CA SER A 471 -17.94 -0.04 32.75
C SER A 471 -17.19 -1.31 32.39
N GLY A 472 -17.73 -2.46 32.75
CA GLY A 472 -17.09 -3.73 32.43
C GLY A 472 -16.38 -4.36 33.61
N GLN A 473 -15.89 -5.58 33.42
CA GLN A 473 -15.17 -6.37 34.41
C GLN A 473 -13.75 -6.59 33.89
N HIS A 474 -12.77 -5.89 34.47
CA HIS A 474 -11.40 -5.96 34.01
C HIS A 474 -10.41 -6.50 35.02
N ARG A 475 -9.25 -6.87 34.51
CA ARG A 475 -8.18 -7.41 35.33
C ARG A 475 -6.92 -6.51 35.20
N LEU A 476 -6.18 -6.45 36.30
CA LEU A 476 -4.94 -5.71 36.36
C LEU A 476 -3.82 -6.68 36.77
N TRP A 477 -2.78 -6.76 35.94
CA TRP A 477 -1.65 -7.60 36.32
C TRP A 477 -0.43 -6.69 36.54
N VAL A 478 0.11 -6.79 37.74
CA VAL A 478 1.21 -5.95 38.17
C VAL A 478 2.55 -6.54 37.79
N ARG A 479 3.37 -5.70 37.19
CA ARG A 479 4.75 -6.09 36.86
C ARG A 479 5.66 -5.42 37.87
N ASN A 480 6.40 -6.23 38.62
CA ASN A 480 7.36 -5.67 39.58
C ASN A 480 8.53 -5.13 38.77
N SER A 481 8.54 -3.84 38.47
CA SER A 481 9.61 -3.29 37.65
C SER A 481 10.65 -2.46 38.40
N GLY A 482 10.65 -2.42 39.73
CA GLY A 482 11.63 -1.65 40.48
C GLY A 482 12.32 -2.49 41.55
N SER A 483 12.64 -1.87 42.70
CA SER A 483 13.27 -2.59 43.81
C SER A 483 12.30 -2.79 44.97
N GLU A 484 12.74 -3.41 46.06
CA GLU A 484 11.86 -3.60 47.21
C GLU A 484 11.58 -2.25 47.90
N PRO A 485 10.36 -2.13 48.37
CA PRO A 485 9.93 -0.97 49.13
C PRO A 485 10.54 -0.97 50.53
N ALA A 486 10.65 0.17 51.19
CA ALA A 486 11.21 0.23 52.54
C ALA A 486 10.14 0.52 53.58
N SER A 487 8.92 0.76 53.11
CA SER A 487 7.78 1.04 53.97
C SER A 487 6.51 0.78 53.16
N ALA A 488 5.37 0.95 53.81
CA ALA A 488 4.09 0.70 53.17
C ALA A 488 3.73 1.88 52.27
N ASN A 489 3.40 1.57 51.01
CA ASN A 489 3.02 2.66 50.11
C ASN A 489 1.84 2.21 49.25
N THR A 490 1.00 3.14 48.78
CA THR A 490 -0.10 2.67 47.95
C THR A 490 -0.07 3.39 46.62
N LEU A 491 -0.32 2.61 45.58
CA LEU A 491 -0.28 3.11 44.20
C LEU A 491 -1.63 3.29 43.57
N LEU A 492 -1.89 4.47 43.02
CA LEU A 492 -3.16 4.72 42.34
C LEU A 492 -3.07 4.20 40.92
N LEU A 493 -3.62 3.00 40.70
CA LEU A 493 -3.55 2.37 39.39
C LEU A 493 -4.61 2.90 38.44
N VAL A 494 -5.85 3.04 38.95
CA VAL A 494 -6.96 3.44 38.12
C VAL A 494 -7.83 4.53 38.72
N GLN A 495 -8.09 5.56 37.93
CA GLN A 495 -8.99 6.65 38.32
C GLN A 495 -10.20 6.58 37.38
N THR A 496 -11.38 6.47 37.96
CA THR A 496 -12.64 6.39 37.25
C THR A 496 -13.64 7.34 37.94
N PRO A 497 -14.71 7.67 37.23
CA PRO A 497 -15.75 8.54 37.75
C PRO A 497 -16.30 7.92 39.02
N LEU A 498 -16.82 8.73 39.93
CA LEU A 498 -17.34 8.24 41.19
C LEU A 498 -18.39 7.17 41.04
N GLY A 499 -19.39 7.29 40.17
CA GLY A 499 -20.42 6.28 40.04
C GLY A 499 -19.97 5.01 39.33
N SER A 500 -19.04 5.06 38.40
CA SER A 500 -18.53 3.93 37.65
C SER A 500 -18.86 2.53 38.11
N ALA A 501 -19.40 1.75 37.17
CA ALA A 501 -19.78 0.35 37.36
C ALA A 501 -18.60 -0.60 37.14
N ALA A 502 -17.56 -0.14 36.44
CA ALA A 502 -16.43 -1.03 36.18
C ALA A 502 -15.93 -1.71 37.45
N THR A 503 -15.38 -2.90 37.27
CA THR A 503 -14.82 -3.71 38.34
C THR A 503 -13.41 -4.11 37.96
N PHE A 504 -12.46 -4.14 38.87
CA PHE A 504 -11.08 -4.52 38.57
C PHE A 504 -10.59 -5.55 39.59
N THR A 505 -9.88 -6.56 39.16
CA THR A 505 -9.36 -7.62 40.00
C THR A 505 -7.88 -7.81 39.70
N LEU A 506 -7.09 -8.06 40.74
CA LEU A 506 -5.66 -8.27 40.53
C LEU A 506 -5.50 -9.65 39.89
N ALA A 507 -4.83 -9.74 38.74
CA ALA A 507 -4.67 -11.02 38.07
C ALA A 507 -3.45 -11.79 38.58
N ASN A 508 -2.57 -11.10 39.31
CA ASN A 508 -1.40 -11.74 39.89
C ASN A 508 -1.84 -12.91 40.75
N LYS A 509 -1.02 -13.92 40.87
CA LYS A 509 -1.34 -15.12 41.63
C LYS A 509 -1.87 -14.83 43.02
N ASP A 510 -2.99 -15.46 43.35
CA ASP A 510 -3.64 -15.37 44.66
C ASP A 510 -4.18 -13.99 44.99
N GLY A 511 -4.45 -13.15 44.01
CA GLY A 511 -4.97 -11.81 44.18
C GLY A 511 -4.04 -10.85 44.90
N LYS A 512 -2.75 -11.14 44.98
CA LYS A 512 -1.81 -10.28 45.67
C LYS A 512 -0.46 -10.32 44.96
N VAL A 513 0.42 -9.40 45.37
CA VAL A 513 1.76 -9.36 44.79
C VAL A 513 2.75 -8.97 45.87
N ASP A 514 3.72 -9.84 46.09
CA ASP A 514 4.75 -9.64 47.08
C ASP A 514 6.02 -9.04 46.50
N ILE A 515 6.35 -7.85 46.96
CA ILE A 515 7.57 -7.16 46.55
C ILE A 515 8.39 -6.94 47.83
N GLY A 516 9.52 -7.63 47.95
CA GLY A 516 10.35 -7.51 49.14
C GLY A 516 9.62 -8.10 50.34
N THR A 517 9.54 -7.35 51.44
CA THR A 517 8.82 -7.83 52.62
C THR A 517 7.42 -7.25 52.66
N TYR A 518 6.98 -6.61 51.58
CA TYR A 518 5.65 -6.02 51.50
C TYR A 518 4.71 -6.78 50.58
N ARG A 519 3.46 -6.88 51.02
CA ARG A 519 2.42 -7.54 50.27
C ARG A 519 1.43 -6.49 49.78
N TYR A 520 1.16 -6.50 48.47
CA TYR A 520 0.23 -5.56 47.87
C TYR A 520 -1.05 -6.24 47.40
N ARG A 521 -2.20 -5.63 47.64
CA ARG A 521 -3.49 -6.11 47.19
C ARG A 521 -4.26 -4.92 46.62
N LEU A 522 -5.21 -5.20 45.74
CA LEU A 522 -5.98 -4.15 45.09
C LEU A 522 -7.13 -3.74 45.99
N ALA A 523 -7.44 -2.46 46.04
CA ALA A 523 -8.55 -1.99 46.86
C ALA A 523 -9.29 -0.85 46.16
N ALA A 524 -10.61 -0.90 46.32
CA ALA A 524 -11.50 0.16 45.88
C ALA A 524 -12.47 0.42 47.03
N ASN A 525 -12.56 1.66 47.47
CA ASN A 525 -13.46 2.04 48.57
C ASN A 525 -14.49 3.00 47.99
N GLY A 526 -15.17 2.57 46.94
CA GLY A 526 -16.18 3.27 46.22
C GLY A 526 -15.99 4.61 45.56
N ASN A 527 -14.93 5.35 45.84
CA ASN A 527 -14.66 6.69 45.37
C ASN A 527 -14.33 6.83 43.90
N GLY A 528 -14.05 5.75 43.19
CA GLY A 528 -13.70 5.81 41.79
C GLY A 528 -12.23 5.49 41.56
N GLN A 529 -11.48 5.18 42.61
CA GLN A 529 -10.07 4.85 42.48
C GLN A 529 -9.85 3.37 42.77
N TRP A 530 -8.88 2.78 42.07
CA TRP A 530 -8.48 1.40 42.32
C TRP A 530 -7.01 1.52 42.71
N SER A 531 -6.67 1.11 43.92
CA SER A 531 -5.30 1.31 44.39
C SER A 531 -4.62 -0.01 44.76
N LEU A 532 -3.33 -0.08 44.46
CA LEU A 532 -2.54 -1.21 44.92
C LEU A 532 -2.03 -0.80 46.30
N VAL A 533 -2.66 -1.35 47.34
CA VAL A 533 -2.31 -0.91 48.70
C VAL A 533 -1.05 -1.52 49.24
N GLY A 534 -0.78 -2.75 49.59
CA GLY A 534 0.63 -2.92 50.07
C GLY A 534 0.86 -2.51 51.52
N ALA A 535 1.21 -3.52 52.31
CA ALA A 535 1.48 -3.47 53.73
C ALA A 535 2.49 -4.55 54.09
N LYS A 536 3.08 -4.42 55.26
CA LYS A 536 4.09 -5.38 55.72
C LYS A 536 3.51 -6.78 55.62
N ALA A 537 4.21 -7.67 54.92
CA ALA A 537 3.75 -9.03 54.70
C ALA A 537 3.85 -9.87 55.97
N PRO A 538 2.99 -10.87 56.08
CA PRO A 538 2.95 -11.77 57.22
C PRO A 538 4.05 -12.81 57.24
N PRO A 539 4.56 -12.85 58.56
CA PRO A 539 5.64 -13.82 58.78
C PRO A 539 5.17 -15.25 58.52
#